data_6X5L
#
_entry.id   6X5L
#
_cell.length_a   100.56
_cell.length_b   100.56
_cell.length_c   98.202
_cell.angle_alpha   90
_cell.angle_beta   90
_cell.angle_gamma   90
#
_symmetry.space_group_name_H-M   'P 43 21 2'
#
loop_
_entity.id
_entity.type
_entity.pdbx_description
1 polymer 'Coagulation factor IX'
2 polymer 'Coagulation factor IX'
3 non-polymer 4-{[5-hydroxy-6-(4-methylphenyl)pyrimidin-4-yl]amino}benzene-1-carboximidamide
4 non-polymer 'SODIUM ION'
5 non-polymer 'CITRIC ACID'
6 non-polymer GLYCEROL
7 water water
#
loop_
_entity_poly.entity_id
_entity_poly.type
_entity_poly.pdbx_seq_one_letter_code
_entity_poly.pdbx_strand_id
1 'polypeptide(L)'
;VVGGEDAKPGQFPWQVVLNGKVDAFCGGSIVNEKWIVTAAHCVETGVKITVVAGEHNIEETEHTEQKRNVIRIIPHHNYN
AAINKYNHDIALLELDEPLVLNSYVTPICIADKEYTNIFLKFGSGYVSGWGRVFHKGRSALVLQYLRVPLVDRATCLRST
KFTIYNNMFCAGFHEGGRDSCQGDSGGPHVTEVEGTSFLTGIISWGEECAMKGKYGIYTKVSRYVNWIKEKTKL
;
A
2 'polypeptide(L)' MDVTCNIKNGRCEQFCKNSADNKVVCSCTEGYRLAENQKSCEPAVPFPCGRVSVSQTSKLTR B
#
# COMPACT_ATOMS: atom_id res chain seq x y z
N VAL A 1 1.72 -12.84 4.51
CA VAL A 1 2.56 -12.26 5.55
C VAL A 1 2.97 -13.35 6.49
N VAL A 2 4.29 -13.52 6.67
CA VAL A 2 4.85 -14.47 7.62
C VAL A 2 5.12 -13.70 8.91
N GLY A 3 4.82 -14.32 10.05
CA GLY A 3 5.05 -13.71 11.35
C GLY A 3 4.28 -12.44 11.65
N GLY A 4 3.12 -12.27 11.01
CA GLY A 4 2.26 -11.11 11.26
C GLY A 4 1.15 -11.41 12.24
N GLU A 5 0.10 -10.56 12.26
CA GLU A 5 -1.05 -10.73 13.15
C GLU A 5 -2.35 -10.58 12.38
N ASP A 6 -3.44 -11.16 12.89
CA ASP A 6 -4.75 -11.03 12.28
C ASP A 6 -5.19 -9.55 12.41
N ALA A 7 -5.55 -8.91 11.29
CA ALA A 7 -6.10 -7.56 11.34
C ALA A 7 -7.53 -7.68 11.95
N LYS A 8 -7.97 -6.64 12.66
CA LYS A 8 -9.35 -6.62 13.16
C LYS A 8 -10.21 -6.07 11.99
N PRO A 9 -11.54 -6.31 11.96
CA PRO A 9 -12.35 -5.74 10.88
C PRO A 9 -12.22 -4.21 10.79
N GLY A 10 -12.06 -3.68 9.58
CA GLY A 10 -11.93 -2.25 9.34
C GLY A 10 -10.59 -1.65 9.75
N GLN A 11 -9.58 -2.46 10.13
CA GLN A 11 -8.27 -1.95 10.55
C GLN A 11 -7.42 -1.43 9.38
N PHE A 12 -7.59 -2.03 8.17
CA PHE A 12 -6.87 -1.59 6.94
C PHE A 12 -7.93 -1.47 5.85
N PRO A 13 -8.85 -0.51 5.97
CA PRO A 13 -9.99 -0.44 5.04
C PRO A 13 -9.64 -0.08 3.59
N TRP A 14 -8.37 0.25 3.32
CA TRP A 14 -7.88 0.52 1.97
C TRP A 14 -7.43 -0.78 1.26
N GLN A 15 -7.28 -1.88 2.01
CA GLN A 15 -6.84 -3.14 1.45
C GLN A 15 -7.91 -3.79 0.58
N VAL A 16 -7.49 -4.34 -0.57
CA VAL A 16 -8.33 -5.16 -1.42
C VAL A 16 -7.55 -6.43 -1.77
N VAL A 17 -8.30 -7.47 -2.12
CA VAL A 17 -7.73 -8.72 -2.57
C VAL A 17 -8.08 -8.86 -4.06
N LEU A 18 -7.20 -9.49 -4.83
N LEU A 18 -7.19 -9.48 -4.84
CA LEU A 18 -7.41 -9.74 -6.26
CA LEU A 18 -7.41 -9.75 -6.27
C LEU A 18 -7.65 -11.24 -6.44
C LEU A 18 -7.66 -11.24 -6.43
N ASN A 19 -8.67 -11.61 -7.20
CA ASN A 19 -9.03 -13.00 -7.49
C ASN A 19 -9.05 -13.17 -9.02
N GLY A 20 -8.54 -14.30 -9.50
CA GLY A 20 -8.50 -14.63 -10.92
C GLY A 20 -8.71 -16.11 -11.06
N LYS A 21 -7.82 -16.82 -11.80
CA LYS A 21 -7.92 -18.29 -11.88
C LYS A 21 -7.74 -18.90 -10.47
N VAL A 22 -6.91 -18.26 -9.64
CA VAL A 22 -6.66 -18.61 -8.24
C VAL A 22 -7.11 -17.38 -7.40
N ASP A 23 -7.85 -17.61 -6.31
CA ASP A 23 -8.27 -16.51 -5.44
C ASP A 23 -7.10 -16.01 -4.59
N ALA A 24 -7.11 -14.72 -4.21
CA ALA A 24 -6.06 -14.11 -3.39
C ALA A 24 -4.63 -14.27 -3.91
N PHE A 25 -4.45 -14.17 -5.22
CA PHE A 25 -3.12 -14.26 -5.83
C PHE A 25 -2.27 -13.01 -5.57
N CYS A 26 -2.90 -11.87 -5.30
CA CYS A 26 -2.23 -10.59 -5.07
C CYS A 26 -3.18 -9.68 -4.27
N GLY A 27 -2.68 -8.55 -3.82
CA GLY A 27 -3.46 -7.52 -3.15
C GLY A 27 -3.44 -6.24 -3.95
N GLY A 28 -4.03 -5.22 -3.35
CA GLY A 28 -4.09 -3.87 -3.91
C GLY A 28 -4.52 -2.88 -2.84
N SER A 29 -4.58 -1.59 -3.21
CA SER A 29 -5.03 -0.52 -2.32
C SER A 29 -6.02 0.36 -3.05
N ILE A 30 -7.00 0.87 -2.32
CA ILE A 30 -8.00 1.76 -2.87
C ILE A 30 -7.40 3.14 -3.01
N VAL A 31 -7.31 3.67 -4.26
CA VAL A 31 -6.91 5.06 -4.51
C VAL A 31 -8.17 5.93 -4.33
N ASN A 32 -9.28 5.51 -4.93
CA ASN A 32 -10.58 6.17 -4.78
C ASN A 32 -11.70 5.15 -5.13
N GLU A 33 -12.98 5.59 -5.17
CA GLU A 33 -14.10 4.68 -5.45
C GLU A 33 -13.99 3.88 -6.77
N LYS A 34 -13.20 4.34 -7.77
CA LYS A 34 -13.12 3.65 -9.06
C LYS A 34 -11.77 3.02 -9.37
N TRP A 35 -10.74 3.28 -8.54
CA TRP A 35 -9.38 2.87 -8.87
C TRP A 35 -8.64 2.18 -7.75
N ILE A 36 -7.88 1.14 -8.14
CA ILE A 36 -7.02 0.36 -7.26
C ILE A 36 -5.59 0.51 -7.77
N VAL A 37 -4.63 0.58 -6.86
CA VAL A 37 -3.23 0.57 -7.22
C VAL A 37 -2.70 -0.79 -6.75
N THR A 38 -1.94 -1.45 -7.61
CA THR A 38 -1.39 -2.79 -7.35
C THR A 38 0.02 -2.89 -8.04
N ALA A 39 0.58 -4.11 -8.13
CA ALA A 39 1.85 -4.37 -8.79
C ALA A 39 1.53 -4.76 -10.24
N ALA A 40 2.37 -4.36 -11.19
CA ALA A 40 2.15 -4.70 -12.59
C ALA A 40 2.35 -6.19 -12.86
N HIS A 41 3.24 -6.88 -12.10
CA HIS A 41 3.45 -8.32 -12.32
C HIS A 41 2.22 -9.15 -11.93
N CYS A 42 1.30 -8.60 -11.13
CA CYS A 42 0.07 -9.30 -10.75
C CYS A 42 -0.96 -9.30 -11.88
N VAL A 43 -0.89 -8.36 -12.85
CA VAL A 43 -1.96 -8.15 -13.81
C VAL A 43 -1.48 -8.05 -15.26
N GLU A 44 -2.39 -8.21 -16.22
CA GLU A 44 -2.04 -8.15 -17.64
C GLU A 44 -3.28 -7.96 -18.52
N GLY A 46 -6.43 -8.45 -20.35
CA GLY A 46 -6.19 -9.78 -20.92
C GLY A 46 -6.74 -10.89 -20.06
N VAL A 47 -6.31 -10.96 -18.77
CA VAL A 47 -6.75 -11.97 -17.82
C VAL A 47 -7.81 -11.35 -16.90
N LYS A 48 -9.02 -11.95 -16.83
CA LYS A 48 -10.12 -11.41 -16.03
C LYS A 48 -9.82 -11.47 -14.53
N ILE A 49 -10.00 -10.34 -13.86
CA ILE A 49 -9.70 -10.14 -12.45
C ILE A 49 -10.90 -9.52 -11.75
N THR A 50 -11.13 -9.90 -10.49
CA THR A 50 -12.12 -9.26 -9.65
C THR A 50 -11.38 -8.72 -8.42
N VAL A 51 -11.87 -7.61 -7.91
CA VAL A 51 -11.35 -6.94 -6.74
C VAL A 51 -12.40 -7.07 -5.64
N VAL A 52 -11.99 -7.41 -4.40
CA VAL A 52 -12.90 -7.45 -3.26
C VAL A 52 -12.36 -6.49 -2.21
N ALA A 53 -13.14 -5.44 -1.91
CA ALA A 53 -12.88 -4.47 -0.86
C ALA A 53 -13.73 -4.88 0.38
N GLY A 54 -13.39 -4.35 1.56
CA GLY A 54 -14.10 -4.65 2.78
C GLY A 54 -13.97 -6.09 3.25
N GLU A 55 -12.94 -6.80 2.78
CA GLU A 55 -12.72 -8.19 3.10
C GLU A 55 -11.91 -8.31 4.40
N HIS A 56 -12.17 -9.38 5.16
CA HIS A 56 -11.48 -9.64 6.41
C HIS A 56 -11.07 -11.13 6.42
N ASN A 57 -12.05 -12.03 6.43
CA ASN A 57 -11.83 -13.46 6.35
C ASN A 57 -12.30 -13.88 4.95
N ILE A 58 -11.38 -14.30 4.08
CA ILE A 58 -11.70 -14.68 2.70
C ILE A 58 -12.56 -15.96 2.60
N GLU A 59 -12.97 -16.59 3.73
CA GLU A 59 -13.78 -17.80 3.71
C GLU A 59 -15.09 -17.67 4.54
N GLU A 60 -15.48 -16.44 4.93
CA GLU A 60 -16.68 -16.17 5.70
C GLU A 60 -17.32 -14.87 5.20
N THR A 61 -18.59 -14.91 4.81
CA THR A 61 -19.31 -13.71 4.38
C THR A 61 -19.59 -12.84 5.61
N GLU A 62 -18.95 -11.67 5.69
CA GLU A 62 -19.13 -10.73 6.80
C GLU A 62 -20.08 -9.55 6.48
N HIS A 63 -20.62 -9.50 5.24
CA HIS A 63 -21.56 -8.45 4.80
C HIS A 63 -20.94 -7.07 4.65
N THR A 64 -19.62 -6.96 4.77
CA THR A 64 -18.90 -5.70 4.53
C THR A 64 -18.18 -5.71 3.16
N GLU A 65 -18.17 -6.87 2.45
CA GLU A 65 -17.44 -7.02 1.19
C GLU A 65 -18.13 -6.33 0.02
N GLN A 66 -17.30 -5.86 -0.93
CA GLN A 66 -17.74 -5.24 -2.16
C GLN A 66 -16.87 -5.79 -3.28
N LYS A 67 -17.45 -6.61 -4.17
CA LYS A 67 -16.73 -7.22 -5.28
C LYS A 67 -17.00 -6.40 -6.55
N ARG A 68 -15.96 -6.22 -7.35
CA ARG A 68 -16.07 -5.48 -8.60
C ARG A 68 -15.24 -6.15 -9.67
N ASN A 69 -15.68 -6.01 -10.92
CA ASN A 69 -14.94 -6.45 -12.09
C ASN A 69 -13.95 -5.36 -12.45
N VAL A 70 -12.81 -5.75 -13.01
CA VAL A 70 -11.81 -4.80 -13.48
C VAL A 70 -12.09 -4.57 -14.98
N ILE A 71 -12.38 -3.32 -15.37
CA ILE A 71 -12.67 -2.97 -16.78
C ILE A 71 -11.44 -2.41 -17.50
N ARG A 72 -10.40 -1.99 -16.77
CA ARG A 72 -9.21 -1.46 -17.39
C ARG A 72 -8.00 -1.69 -16.48
N ILE A 73 -6.89 -2.10 -17.08
CA ILE A 73 -5.63 -2.31 -16.39
C ILE A 73 -4.61 -1.39 -17.03
N ILE A 74 -4.01 -0.50 -16.24
CA ILE A 74 -2.99 0.39 -16.75
C ILE A 74 -1.69 0.08 -16.04
N PRO A 75 -0.83 -0.78 -16.61
CA PRO A 75 0.53 -0.89 -16.05
C PRO A 75 1.27 0.41 -16.34
N HIS A 76 2.23 0.81 -15.48
CA HIS A 76 3.05 2.02 -15.76
C HIS A 76 3.80 1.77 -17.09
N HIS A 77 3.89 2.79 -17.95
CA HIS A 77 4.48 2.65 -19.29
C HIS A 77 5.92 2.13 -19.31
N ASN A 78 6.69 2.25 -18.23
CA ASN A 78 8.05 1.71 -18.16
C ASN A 78 8.09 0.25 -17.69
N TYR A 79 6.94 -0.34 -17.34
CA TYR A 79 6.90 -1.75 -16.98
C TYR A 79 7.05 -2.61 -18.22
N ASN A 80 7.98 -3.58 -18.21
CA ASN A 80 8.15 -4.53 -19.30
C ASN A 80 8.62 -5.86 -18.68
N ALA A 81 7.70 -6.83 -18.56
CA ALA A 81 8.01 -8.14 -17.97
C ALA A 81 9.11 -8.91 -18.69
N ALA A 82 9.21 -8.76 -20.03
CA ALA A 82 10.27 -9.46 -20.77
C ALA A 82 11.67 -8.90 -20.47
N ILE A 83 11.78 -7.68 -19.90
CA ILE A 83 13.11 -7.13 -19.55
C ILE A 83 13.34 -7.37 -18.04
N ASN A 84 12.36 -7.04 -17.20
CA ASN A 84 12.49 -7.25 -15.75
C ASN A 84 11.09 -7.34 -15.13
N LYS A 85 10.76 -8.53 -14.66
CA LYS A 85 9.46 -8.86 -14.08
C LYS A 85 9.03 -7.94 -12.89
N TYR A 86 9.99 -7.40 -12.14
CA TYR A 86 9.74 -6.65 -10.92
C TYR A 86 10.22 -5.20 -10.92
N ASN A 87 10.78 -4.67 -12.03
CA ASN A 87 11.16 -3.26 -12.08
C ASN A 87 9.95 -2.45 -12.61
N HIS A 88 9.74 -1.21 -12.09
CA HIS A 88 8.57 -0.35 -12.42
C HIS A 88 7.28 -1.13 -12.14
N ASP A 89 7.26 -1.84 -11.01
CA ASP A 89 6.19 -2.76 -10.67
C ASP A 89 5.02 -2.08 -10.01
N ILE A 90 4.19 -1.44 -10.84
CA ILE A 90 3.01 -0.71 -10.38
C ILE A 90 2.00 -0.63 -11.54
N ALA A 91 0.73 -0.83 -11.22
CA ALA A 91 -0.37 -0.78 -12.16
C ALA A 91 -1.62 -0.24 -11.46
N LEU A 92 -2.57 0.27 -12.26
CA LEU A 92 -3.84 0.78 -11.78
C LEU A 92 -4.95 -0.06 -12.40
N LEU A 93 -6.01 -0.32 -11.64
CA LEU A 93 -7.17 -1.09 -12.09
C LEU A 93 -8.39 -0.22 -11.93
N GLU A 94 -9.19 -0.09 -12.99
CA GLU A 94 -10.43 0.66 -12.96
C GLU A 94 -11.54 -0.34 -12.70
N LEU A 95 -12.44 -0.01 -11.77
CA LEU A 95 -13.56 -0.85 -11.39
C LEU A 95 -14.78 -0.56 -12.25
N ASP A 96 -15.63 -1.58 -12.51
CA ASP A 96 -16.82 -1.41 -13.35
C ASP A 96 -17.84 -0.47 -12.75
N GLU A 97 -17.97 -0.49 -11.43
CA GLU A 97 -18.91 0.37 -10.73
C GLU A 97 -18.18 0.92 -9.50
N PRO A 98 -18.50 2.14 -9.04
CA PRO A 98 -17.77 2.68 -7.88
C PRO A 98 -18.02 1.89 -6.60
N LEU A 99 -16.99 1.79 -5.76
CA LEU A 99 -17.15 1.25 -4.42
C LEU A 99 -17.90 2.30 -3.58
N VAL A 100 -18.59 1.85 -2.54
CA VAL A 100 -19.29 2.73 -1.62
C VAL A 100 -18.38 2.88 -0.43
N LEU A 101 -17.89 4.10 -0.19
CA LEU A 101 -16.97 4.34 0.92
C LEU A 101 -17.69 4.26 2.25
N ASN A 102 -17.10 3.52 3.17
CA ASN A 102 -17.66 3.35 4.51
C ASN A 102 -16.49 2.99 5.48
N SER A 103 -16.79 2.56 6.71
CA SER A 103 -15.74 2.21 7.66
C SER A 103 -14.90 0.99 7.25
N TYR A 104 -15.43 0.13 6.37
CA TYR A 104 -14.69 -1.04 5.89
C TYR A 104 -14.06 -0.84 4.52
N VAL A 105 -14.48 0.19 3.77
CA VAL A 105 -13.98 0.47 2.43
C VAL A 105 -13.62 1.95 2.39
N THR A 106 -12.35 2.28 2.63
CA THR A 106 -11.87 3.66 2.72
C THR A 106 -10.61 3.84 1.88
N PRO A 107 -10.39 4.94 1.12
CA PRO A 107 -9.13 5.04 0.36
C PRO A 107 -7.89 5.24 1.23
N ILE A 108 -6.73 4.97 0.64
CA ILE A 108 -5.45 5.25 1.28
C ILE A 108 -5.06 6.66 0.81
N CYS A 109 -4.46 7.48 1.69
CA CYS A 109 -3.99 8.80 1.29
C CYS A 109 -2.73 8.66 0.48
N ILE A 110 -2.51 9.57 -0.47
CA ILE A 110 -1.30 9.60 -1.25
C ILE A 110 -0.85 11.04 -1.24
N ALA A 111 0.31 11.31 -0.60
CA ALA A 111 0.87 12.65 -0.51
C ALA A 111 1.58 13.00 -1.84
N ASP A 112 2.10 14.26 -2.02
CA ASP A 112 2.89 14.57 -3.21
C ASP A 112 4.20 13.73 -3.19
N LYS A 113 5.01 13.84 -4.24
CA LYS A 113 6.26 13.10 -4.37
C LYS A 113 7.23 13.34 -3.19
N GLU A 114 7.44 14.62 -2.81
CA GLU A 114 8.33 15.01 -1.74
C GLU A 114 7.89 14.41 -0.41
N TYR A 115 6.62 14.61 -0.03
CA TYR A 115 6.12 14.10 1.23
C TYR A 115 5.99 12.58 1.27
N THR A 116 5.70 11.90 0.14
CA THR A 116 5.68 10.44 0.15
C THR A 116 7.10 9.89 0.50
N ASN A 117 8.15 10.56 -0.01
CA ASN A 117 9.53 10.15 0.27
C ASN A 117 9.92 10.48 1.72
N ILE A 118 9.47 11.64 2.24
CA ILE A 118 9.70 12.01 3.64
C ILE A 118 9.05 10.95 4.56
N PHE A 119 7.82 10.51 4.25
CA PHE A 119 7.10 9.54 5.07
C PHE A 119 7.75 8.16 4.99
N LEU A 120 8.26 7.74 3.81
CA LEU A 120 9.00 6.48 3.70
C LEU A 120 10.24 6.53 4.63
N LYS A 121 10.96 7.67 4.62
CA LYS A 121 12.16 7.86 5.43
C LYS A 121 11.89 7.92 6.94
N PHE A 122 10.62 8.03 7.42
CA PHE A 122 10.30 7.85 8.85
C PHE A 122 10.80 6.44 9.33
N GLY A 123 10.92 5.47 8.41
CA GLY A 123 11.55 4.18 8.65
C GLY A 123 10.71 3.04 9.18
N SER A 124 9.40 3.23 9.32
CA SER A 124 8.53 2.19 9.83
C SER A 124 7.18 2.20 9.09
N GLY A 125 6.85 1.09 8.45
CA GLY A 125 5.61 0.98 7.71
C GLY A 125 4.83 -0.28 8.03
N TYR A 126 3.56 -0.30 7.66
CA TYR A 126 2.71 -1.46 7.83
C TYR A 126 2.46 -2.07 6.49
N VAL A 127 2.62 -3.39 6.41
CA VAL A 127 2.29 -4.15 5.20
C VAL A 127 1.16 -5.09 5.61
N SER A 128 0.29 -5.42 4.67
CA SER A 128 -0.81 -6.33 4.94
C SER A 128 -1.19 -7.13 3.69
N GLY A 129 -1.88 -8.26 3.90
CA GLY A 129 -2.35 -9.08 2.81
C GLY A 129 -2.80 -10.46 3.25
N TRP A 130 -3.35 -11.22 2.29
CA TRP A 130 -3.78 -12.61 2.50
C TRP A 130 -2.79 -13.58 1.85
N GLY A 131 -1.51 -13.19 1.73
CA GLY A 131 -0.51 -14.07 1.16
C GLY A 131 -0.14 -15.19 2.10
N ARG A 132 0.89 -15.95 1.72
CA ARG A 132 1.36 -17.09 2.50
C ARG A 132 1.77 -16.65 3.91
N VAL A 133 1.41 -17.45 4.92
CA VAL A 133 1.77 -17.21 6.32
C VAL A 133 3.05 -17.99 6.70
N PHE A 134 3.51 -18.93 5.85
CA PHE A 134 4.77 -19.64 6.00
C PHE A 134 5.44 -19.72 4.62
N HIS A 135 6.78 -19.87 4.58
CA HIS A 135 7.50 -20.03 3.31
C HIS A 135 7.02 -21.37 2.66
N LYS A 136 6.46 -21.31 1.43
CA LYS A 136 5.88 -22.44 0.70
C LYS A 136 4.55 -22.96 1.31
N GLY A 137 3.96 -22.21 2.25
CA GLY A 137 2.69 -22.59 2.88
C GLY A 137 1.48 -22.06 2.14
N ARG A 138 0.29 -22.15 2.76
CA ARG A 138 -0.93 -21.66 2.13
C ARG A 138 -1.25 -20.23 2.56
N SER A 139 -2.04 -19.54 1.73
CA SER A 139 -2.49 -18.18 1.94
C SER A 139 -3.34 -18.06 3.22
N ALA A 140 -3.40 -16.86 3.79
CA ALA A 140 -4.14 -16.63 5.03
C ALA A 140 -5.65 -16.60 4.78
N LEU A 141 -6.41 -16.95 5.83
CA LEU A 141 -7.86 -16.85 5.79
C LEU A 141 -8.21 -15.43 6.24
N VAL A 142 -7.67 -15.01 7.40
CA VAL A 142 -7.89 -13.68 7.94
C VAL A 142 -6.78 -12.77 7.45
N LEU A 143 -7.12 -11.52 7.09
CA LEU A 143 -6.15 -10.52 6.66
C LEU A 143 -5.02 -10.39 7.68
N GLN A 144 -3.75 -10.41 7.24
CA GLN A 144 -2.61 -10.31 8.13
C GLN A 144 -1.94 -8.97 7.97
N TYR A 145 -1.29 -8.48 9.04
CA TYR A 145 -0.53 -7.23 8.98
C TYR A 145 0.77 -7.34 9.75
N LEU A 146 1.73 -6.47 9.41
CA LEU A 146 3.03 -6.50 10.05
C LEU A 146 3.71 -5.16 9.91
N ARG A 147 4.36 -4.70 10.97
CA ARG A 147 5.14 -3.48 10.95
C ARG A 147 6.56 -3.93 10.52
N VAL A 148 7.12 -3.31 9.46
CA VAL A 148 8.45 -3.66 8.96
C VAL A 148 9.35 -2.42 8.94
N PRO A 149 10.57 -2.52 9.49
CA PRO A 149 11.47 -1.36 9.46
C PRO A 149 12.13 -1.24 8.10
N LEU A 150 12.40 -0.01 7.68
CA LEU A 150 13.11 0.27 6.46
C LEU A 150 14.57 -0.17 6.64
N VAL A 151 15.16 -0.73 5.60
CA VAL A 151 16.56 -1.17 5.61
C VAL A 151 17.35 -0.26 4.66
N ASP A 152 18.53 0.20 5.10
CA ASP A 152 19.35 1.09 4.26
C ASP A 152 19.79 0.39 2.98
N ARG A 153 19.95 1.19 1.91
CA ARG A 153 20.29 0.69 0.60
C ARG A 153 21.58 -0.15 0.60
N ALA A 154 22.65 0.29 1.31
CA ALA A 154 23.90 -0.50 1.34
C ALA A 154 23.68 -1.91 1.90
N THR A 155 22.95 -2.05 3.01
CA THR A 155 22.64 -3.36 3.61
C THR A 155 21.80 -4.22 2.66
N CYS A 156 20.85 -3.58 2.00
CA CYS A 156 19.96 -4.17 1.02
C CYS A 156 20.74 -4.67 -0.23
N LEU A 157 21.68 -3.87 -0.76
CA LEU A 157 22.50 -4.27 -1.90
C LEU A 157 23.36 -5.50 -1.56
N ARG A 158 23.93 -5.55 -0.33
CA ARG A 158 24.72 -6.70 0.10
C ARG A 158 23.88 -7.98 0.27
N SER A 159 22.56 -7.87 0.45
CA SER A 159 21.70 -9.03 0.71
C SER A 159 21.41 -9.91 -0.51
N THR A 160 21.64 -9.41 -1.73
CA THR A 160 21.23 -10.12 -2.93
C THR A 160 22.15 -9.96 -4.12
N LYS A 161 22.10 -10.94 -5.04
CA LYS A 161 22.78 -10.87 -6.34
C LYS A 161 21.88 -10.15 -7.37
N PHE A 162 20.57 -10.02 -7.10
CA PHE A 162 19.63 -9.36 -7.98
C PHE A 162 19.81 -7.84 -7.89
N THR A 163 19.32 -7.12 -8.90
CA THR A 163 19.48 -5.69 -8.98
C THR A 163 18.35 -4.97 -8.27
N ILE A 164 18.70 -4.17 -7.26
CA ILE A 164 17.75 -3.36 -6.53
C ILE A 164 17.95 -1.94 -7.09
N TYR A 165 16.95 -1.43 -7.82
CA TYR A 165 17.01 -0.08 -8.38
C TYR A 165 16.70 0.97 -7.31
N ASN A 166 17.03 2.24 -7.58
CA ASN A 166 16.86 3.34 -6.62
C ASN A 166 15.42 3.66 -6.26
N ASN A 167 14.44 3.29 -7.10
CA ASN A 167 13.02 3.49 -6.75
C ASN A 167 12.34 2.17 -6.33
N MET A 168 13.16 1.29 -5.73
CA MET A 168 12.78 0.12 -5.00
C MET A 168 13.37 0.38 -3.61
N PHE A 169 12.74 -0.18 -2.57
CA PHE A 169 13.29 -0.10 -1.23
C PHE A 169 13.23 -1.46 -0.57
N CYS A 170 13.99 -1.61 0.50
CA CYS A 170 14.08 -2.83 1.27
C CYS A 170 13.45 -2.61 2.63
N ALA A 171 12.71 -3.59 3.12
CA ALA A 171 12.12 -3.52 4.44
C ALA A 171 12.07 -4.93 5.01
N GLY A 172 12.25 -5.04 6.32
CA GLY A 172 12.24 -6.31 7.01
C GLY A 172 13.21 -6.35 8.18
N PHE A 173 13.40 -7.55 8.72
CA PHE A 173 14.23 -7.76 9.88
C PHE A 173 15.53 -8.45 9.53
N HIS A 174 16.60 -8.03 10.20
CA HIS A 174 17.95 -8.60 10.05
C HIS A 174 17.93 -10.14 10.19
N GLU A 175 17.16 -10.67 11.16
CA GLU A 175 17.08 -12.11 11.41
C GLU A 175 15.92 -12.81 10.72
N GLY A 176 15.23 -12.13 9.79
CA GLY A 176 14.07 -12.72 9.13
C GLY A 176 12.95 -12.97 10.13
N GLY A 177 12.21 -14.06 9.94
CA GLY A 177 11.11 -14.42 10.80
C GLY A 177 9.81 -13.74 10.45
N ARG A 178 9.86 -12.46 10.02
CA ARG A 178 8.65 -11.71 9.68
C ARG A 178 8.86 -11.00 8.36
N ASP A 179 7.88 -11.10 7.45
CA ASP A 179 8.01 -10.51 6.12
C ASP A 179 6.68 -10.58 5.36
N SER A 180 6.55 -9.85 4.26
CA SER A 180 5.44 -10.03 3.34
C SER A 180 5.86 -11.31 2.52
N CYS A 181 4.96 -11.85 1.70
CA CYS A 181 5.25 -13.08 0.96
C CYS A 181 4.44 -13.14 -0.31
N GLN A 182 4.62 -14.20 -1.13
CA GLN A 182 3.82 -14.35 -2.35
C GLN A 182 2.32 -14.41 -1.98
N GLY A 183 1.53 -13.69 -2.74
CA GLY A 183 0.12 -13.50 -2.49
C GLY A 183 -0.16 -12.12 -1.91
N ASP A 184 0.88 -11.46 -1.31
CA ASP A 184 0.79 -10.10 -0.79
C ASP A 184 1.15 -9.05 -1.84
N SER A 185 1.86 -9.41 -2.94
CA SER A 185 2.28 -8.42 -3.96
C SER A 185 1.14 -7.57 -4.45
N GLY A 186 1.41 -6.29 -4.68
CA GLY A 186 0.39 -5.33 -5.06
C GLY A 186 -0.24 -4.64 -3.87
N GLY A 187 -0.16 -5.26 -2.70
CA GLY A 187 -0.72 -4.71 -1.49
C GLY A 187 0.07 -3.51 -1.00
N PRO A 188 -0.45 -2.88 0.04
CA PRO A 188 0.15 -1.65 0.51
C PRO A 188 1.25 -1.76 1.56
N HIS A 189 2.15 -0.79 1.49
CA HIS A 189 3.13 -0.49 2.51
C HIS A 189 2.72 0.95 2.88
N VAL A 190 2.24 1.17 4.11
CA VAL A 190 1.76 2.48 4.51
C VAL A 190 2.50 2.99 5.73
N THR A 191 2.54 4.32 5.87
CA THR A 191 3.16 4.98 7.00
C THR A 191 2.10 5.81 7.71
N GLU A 192 2.05 5.74 9.05
CA GLU A 192 1.09 6.48 9.86
C GLU A 192 1.71 7.81 10.20
N VAL A 193 1.01 8.90 9.88
CA VAL A 193 1.46 10.27 10.11
C VAL A 193 0.39 10.92 10.97
N GLU A 194 0.58 10.93 12.29
CA GLU A 194 -0.37 11.55 13.22
C GLU A 194 -1.79 10.98 13.08
N GLY A 195 -1.90 9.66 12.99
CA GLY A 195 -3.19 9.01 12.86
C GLY A 195 -3.76 8.92 11.46
N THR A 196 -3.03 9.35 10.41
CA THR A 196 -3.49 9.23 9.03
C THR A 196 -2.47 8.41 8.28
N SER A 197 -2.92 7.35 7.59
CA SER A 197 -2.01 6.48 6.85
C SER A 197 -1.87 6.96 5.43
N PHE A 198 -0.62 6.96 4.94
CA PHE A 198 -0.25 7.35 3.59
C PHE A 198 0.43 6.17 2.90
N LEU A 199 0.19 6.01 1.60
CA LEU A 199 0.81 4.93 0.85
C LEU A 199 2.24 5.34 0.51
N THR A 200 3.22 4.58 1.02
CA THR A 200 4.67 4.84 0.80
C THR A 200 5.32 3.76 -0.08
N GLY A 201 4.69 2.60 -0.25
CA GLY A 201 5.22 1.54 -1.11
C GLY A 201 4.16 0.54 -1.56
N ILE A 202 4.52 -0.19 -2.62
CA ILE A 202 3.72 -1.30 -3.15
C ILE A 202 4.53 -2.55 -2.79
N ILE A 203 3.86 -3.59 -2.24
CA ILE A 203 4.52 -4.87 -1.96
C ILE A 203 4.89 -5.45 -3.33
N SER A 204 6.18 -5.78 -3.54
CA SER A 204 6.62 -6.22 -4.86
C SER A 204 7.13 -7.68 -4.87
N TRP A 205 8.34 -7.94 -4.36
CA TRP A 205 8.93 -9.28 -4.46
C TRP A 205 9.95 -9.53 -3.33
N GLY A 206 10.61 -10.66 -3.42
CA GLY A 206 11.64 -11.10 -2.48
C GLY A 206 12.11 -12.49 -2.86
N GLU A 207 13.26 -12.91 -2.36
CA GLU A 207 13.77 -14.26 -2.63
C GLU A 207 13.35 -15.08 -1.46
N GLU A 208 12.38 -15.98 -1.64
CA GLU A 208 11.82 -16.75 -0.53
C GLU A 208 11.04 -15.75 0.39
N CYS A 209 10.77 -16.09 1.66
CA CYS A 209 10.04 -15.20 2.56
C CYS A 209 10.60 -15.40 3.96
N ALA A 210 10.81 -14.29 4.69
CA ALA A 210 11.26 -14.29 6.08
C ALA A 210 12.61 -15.01 6.35
N MET A 211 13.51 -15.10 5.35
N MET A 211 13.50 -15.11 5.35
CA MET A 211 14.80 -15.75 5.54
CA MET A 211 14.80 -15.74 5.53
C MET A 211 15.81 -14.74 6.06
C MET A 211 15.81 -14.72 6.06
N LYS A 212 16.62 -15.12 7.05
CA LYS A 212 17.68 -14.27 7.61
C LYS A 212 18.67 -13.89 6.48
N GLY A 213 18.97 -12.60 6.37
CA GLY A 213 19.87 -12.12 5.32
C GLY A 213 19.14 -11.62 4.09
N LYS A 214 17.80 -11.86 3.97
CA LYS A 214 17.00 -11.40 2.85
C LYS A 214 15.95 -10.42 3.35
N TYR A 215 15.47 -9.56 2.46
CA TYR A 215 14.49 -8.55 2.80
C TYR A 215 13.38 -8.53 1.76
N GLY A 216 12.25 -7.96 2.15
CA GLY A 216 11.17 -7.72 1.22
C GLY A 216 11.56 -6.55 0.35
N ILE A 217 11.23 -6.60 -0.97
CA ILE A 217 11.50 -5.53 -1.92
C ILE A 217 10.16 -4.88 -2.29
N TYR A 218 10.13 -3.54 -2.25
CA TYR A 218 8.95 -2.74 -2.44
C TYR A 218 9.15 -1.69 -3.48
N THR A 219 8.08 -1.25 -4.13
CA THR A 219 8.15 -0.17 -5.10
C THR A 219 7.99 1.12 -4.32
N LYS A 220 8.85 2.13 -4.54
CA LYS A 220 8.65 3.43 -3.92
C LYS A 220 7.49 4.11 -4.62
N VAL A 221 6.43 4.46 -3.88
CA VAL A 221 5.27 5.14 -4.46
C VAL A 221 5.62 6.57 -4.86
N SER A 222 6.60 7.23 -4.20
CA SER A 222 6.97 8.60 -4.52
C SER A 222 7.33 8.79 -6.00
N ARG A 223 7.92 7.75 -6.59
CA ARG A 223 8.33 7.72 -8.00
C ARG A 223 7.14 7.82 -8.96
N TYR A 224 5.91 7.47 -8.51
CA TYR A 224 4.74 7.36 -9.37
C TYR A 224 3.54 8.21 -8.98
N VAL A 225 3.64 9.03 -7.93
CA VAL A 225 2.52 9.85 -7.44
C VAL A 225 1.84 10.66 -8.55
N ASN A 226 2.60 11.33 -9.42
N ASN A 226 2.59 11.36 -9.45
CA ASN A 226 2.00 12.16 -10.48
CA ASN A 226 1.97 12.15 -10.53
C ASN A 226 1.25 11.30 -11.49
C ASN A 226 1.18 11.24 -11.43
N TRP A 227 1.79 10.13 -11.85
CA TRP A 227 1.12 9.18 -12.74
C TRP A 227 -0.19 8.63 -12.09
N ILE A 228 -0.15 8.30 -10.78
CA ILE A 228 -1.34 7.81 -10.07
C ILE A 228 -2.43 8.92 -10.03
N LYS A 229 -2.09 10.15 -9.59
CA LYS A 229 -3.07 11.24 -9.47
C LYS A 229 -3.71 11.53 -10.83
N GLU A 230 -2.89 11.54 -11.90
CA GLU A 230 -3.34 11.82 -13.25
C GLU A 230 -4.32 10.76 -13.76
N LYS A 231 -3.93 9.49 -13.74
CA LYS A 231 -4.77 8.44 -14.30
C LYS A 231 -6.01 8.16 -13.46
N THR A 232 -6.00 8.44 -12.14
CA THR A 232 -7.15 8.14 -11.29
C THR A 232 -8.10 9.33 -11.04
N LYS A 233 -7.90 10.50 -11.70
CA LYS A 233 -8.83 11.65 -11.56
C LYS A 233 -10.28 11.25 -11.82
N LEU A 234 -11.22 11.62 -10.94
CA LEU A 234 -12.63 11.31 -11.15
C LEU A 234 -13.35 12.47 -11.85
N VAL B 3 7.69 28.68 12.05
CA VAL B 3 8.75 29.59 11.61
C VAL B 3 9.42 29.10 10.29
N THR B 4 9.68 27.78 10.14
CA THR B 4 10.28 27.24 8.91
C THR B 4 9.90 25.75 8.73
N CYS B 5 9.65 25.30 7.50
CA CYS B 5 9.29 23.88 7.25
C CYS B 5 10.46 22.91 7.51
N ASN B 6 11.71 23.41 7.54
CA ASN B 6 12.89 22.58 7.76
C ASN B 6 12.95 22.04 9.19
N ILE B 7 12.41 22.80 10.17
CA ILE B 7 12.42 22.40 11.57
C ILE B 7 11.03 21.92 12.00
N LYS B 8 10.89 20.60 12.26
CA LYS B 8 9.65 19.99 12.72
C LYS B 8 8.44 20.28 11.82
N ASN B 9 8.67 20.35 10.48
CA ASN B 9 7.62 20.55 9.48
C ASN B 9 6.81 21.85 9.71
N GLY B 10 7.44 22.87 10.30
CA GLY B 10 6.74 24.10 10.65
C GLY B 10 5.57 23.87 11.59
N ARG B 11 5.60 22.76 12.36
CA ARG B 11 4.54 22.30 13.27
C ARG B 11 3.26 21.87 12.54
N CYS B 12 3.29 21.74 11.19
CA CYS B 12 2.14 21.31 10.40
C CYS B 12 1.92 19.81 10.60
N GLU B 13 0.66 19.39 10.86
CA GLU B 13 0.36 17.97 11.05
C GLU B 13 0.66 17.17 9.77
N GLN B 14 0.33 17.72 8.58
CA GLN B 14 0.62 17.03 7.32
C GLN B 14 1.63 17.81 6.44
N PHE B 15 1.20 18.81 5.65
CA PHE B 15 2.08 19.48 4.70
C PHE B 15 2.41 20.93 5.08
N CYS B 16 3.61 21.37 4.72
CA CYS B 16 4.16 22.69 5.04
C CYS B 16 4.76 23.31 3.78
N LYS B 17 4.55 24.62 3.60
CA LYS B 17 5.09 25.38 2.46
C LYS B 17 5.61 26.72 3.02
N ASN B 18 6.88 27.08 2.72
CA ASN B 18 7.47 28.33 3.19
C ASN B 18 6.92 29.52 2.37
N VAL B 24 5.10 30.17 7.61
CA VAL B 24 4.70 28.92 6.98
C VAL B 24 3.19 28.83 6.80
N VAL B 25 2.78 28.10 5.75
CA VAL B 25 1.39 27.82 5.42
C VAL B 25 1.23 26.31 5.52
N CYS B 26 0.41 25.83 6.47
CA CYS B 26 0.12 24.41 6.62
C CYS B 26 -1.02 24.03 5.67
N SER B 27 -1.06 22.77 5.30
CA SER B 27 -2.11 22.22 4.43
C SER B 27 -2.28 20.71 4.70
N CYS B 28 -3.39 20.16 4.21
CA CYS B 28 -3.79 18.78 4.42
C CYS B 28 -4.06 18.11 3.08
N THR B 29 -4.12 16.76 3.11
CA THR B 29 -4.45 15.95 1.95
C THR B 29 -5.96 16.02 1.68
N GLU B 30 -6.39 15.60 0.49
CA GLU B 30 -7.80 15.61 0.08
C GLU B 30 -8.68 14.87 1.10
N GLY B 31 -9.84 15.45 1.40
CA GLY B 31 -10.76 14.91 2.39
C GLY B 31 -10.54 15.46 3.79
N TYR B 32 -9.53 16.34 3.99
CA TYR B 32 -9.24 16.99 5.27
C TYR B 32 -9.17 18.49 5.10
N ARG B 33 -9.51 19.22 6.16
CA ARG B 33 -9.41 20.67 6.16
C ARG B 33 -8.48 21.09 7.30
N LEU B 34 -7.88 22.27 7.17
CA LEU B 34 -6.97 22.78 8.17
C LEU B 34 -7.79 23.29 9.36
N ALA B 35 -7.47 22.80 10.56
CA ALA B 35 -8.18 23.15 11.80
C ALA B 35 -7.96 24.62 12.20
N GLU B 36 -8.78 25.14 13.13
CA GLU B 36 -8.70 26.51 13.64
C GLU B 36 -7.27 26.92 14.05
N ASN B 37 -6.46 25.98 14.59
CA ASN B 37 -5.09 26.33 15.00
C ASN B 37 -4.11 26.54 13.83
N GLN B 38 -4.56 26.32 12.57
CA GLN B 38 -3.77 26.48 11.34
C GLN B 38 -2.58 25.52 11.23
N LYS B 39 -2.57 24.43 12.02
CA LYS B 39 -1.50 23.44 12.00
C LYS B 39 -2.09 22.03 11.80
N SER B 40 -3.13 21.68 12.58
CA SER B 40 -3.79 20.38 12.55
C SER B 40 -4.74 20.19 11.37
N CYS B 41 -5.06 18.91 11.08
CA CYS B 41 -5.92 18.45 9.98
C CYS B 41 -7.10 17.71 10.57
N GLU B 42 -8.30 18.02 10.11
CA GLU B 42 -9.50 17.38 10.60
C GLU B 42 -10.36 16.91 9.41
N PRO B 43 -11.14 15.82 9.54
CA PRO B 43 -11.97 15.40 8.40
C PRO B 43 -12.91 16.46 7.87
N ALA B 44 -12.96 16.61 6.55
CA ALA B 44 -13.90 17.50 5.84
C ALA B 44 -15.01 16.67 5.11
N VAL B 45 -14.93 15.31 5.13
CA VAL B 45 -15.87 14.40 4.49
C VAL B 45 -16.20 13.22 5.45
N PRO B 46 -17.25 12.41 5.18
CA PRO B 46 -17.56 11.30 6.11
C PRO B 46 -16.49 10.22 6.26
N PHE B 47 -15.88 9.76 5.16
CA PHE B 47 -14.86 8.70 5.22
C PHE B 47 -13.56 9.18 4.58
N PRO B 48 -12.79 10.06 5.26
CA PRO B 48 -11.54 10.55 4.66
C PRO B 48 -10.49 9.47 4.57
N CYS B 49 -9.61 9.60 3.58
CA CYS B 49 -8.54 8.64 3.32
C CYS B 49 -7.66 8.41 4.55
N GLY B 50 -7.07 7.21 4.61
CA GLY B 50 -6.12 6.82 5.64
C GLY B 50 -6.57 6.77 7.08
N ARG B 51 -7.89 6.74 7.35
CA ARG B 51 -8.38 6.69 8.73
C ARG B 51 -9.15 5.42 9.03
N VAL B 52 -8.95 4.88 10.23
CA VAL B 52 -9.71 3.75 10.72
C VAL B 52 -10.90 4.37 11.48
N SER B 53 -12.14 3.97 11.14
CA SER B 53 -13.35 4.47 11.81
C SER B 53 -14.16 3.33 12.48
N VAL B 54 -13.80 2.04 12.30
CA VAL B 54 -14.47 0.95 13.02
C VAL B 54 -13.90 0.92 14.45
N SER B 55 -14.70 0.50 15.44
CA SER B 55 -14.21 0.38 16.81
C SER B 55 -13.11 -0.70 16.87
N GLN B 56 -11.96 -0.38 17.50
CA GLN B 56 -10.81 -1.30 17.59
C GLN B 56 -10.62 -1.76 19.03
#